data_2RL1
#
_entry.id   2RL1
#
_cell.length_a   63.907
_cell.length_b   123.377
_cell.length_c   127.634
_cell.angle_alpha   90.00
_cell.angle_beta   90.00
_cell.angle_gamma   90.00
#
_symmetry.space_group_name_H-M   'I 2 2 2'
#
loop_
_entity.id
_entity.type
_entity.pdbx_description
1 polymer 'UDP-N-acetylglucosamine 1-carboxyvinyltransferase'
2 non-polymer 'SULFATE ION'
3 non-polymer URIDINE-DIPHOSPHATE-N-ACETYLGLUCOSAMINE
4 water water
#
_entity_poly.entity_id   1
_entity_poly.type   'polypeptide(L)'
_entity_poly.pdbx_seq_one_letter_code
;MDKFRVYGQSRLSGSVNISGAKNAALPILFAAILATEPVKLTNVPELKDIETTLKILRQLGVVVDRDATGAVLLDASNIN
HFTAPYELVKTMRASIWALAPLVARFHQGQVSLPGGCSIGARPVDLHISGLEKLGADIVLEEGYVKAQVSDRLVGTRIVI
EKVSVGATLSIMMAATLAKGTTVIENAAREPEIVDTADFLNKMGAKITGAGSAHITIEGVERLTGCEHSVVPDRIETGTF
LIAAAISGGCVVCQNTKADTLDAVIDKLREAGAQVDVTENSITLDMLGNRPKAVNIRTAPHPGFPTDMQAQFTLLNMVAE
GTSIITETIFENRFMHIPELIRMGGKAEIEGNTAVCHGVEQLSGTEVIATDLRASISLVLAGCIATGETIVDRIYHIDRG
YEHIEDKLRGLGAKIERFSGSDEA
;
_entity_poly.pdbx_strand_id   A
#
loop_
_chem_comp.id
_chem_comp.type
_chem_comp.name
_chem_comp.formula
SO4 non-polymer 'SULFATE ION' 'O4 S -2'
UD1 non-polymer URIDINE-DIPHOSPHATE-N-ACETYLGLUCOSAMINE 'C17 H27 N3 O17 P2'
#
# COMPACT_ATOMS: atom_id res chain seq x y z
N MET A 1 -7.22 19.72 -14.01
CA MET A 1 -6.60 19.14 -12.78
C MET A 1 -7.63 19.14 -11.65
N ASP A 2 -8.10 17.96 -11.27
CA ASP A 2 -9.08 17.85 -10.20
C ASP A 2 -8.54 18.26 -8.84
N LYS A 3 -9.40 18.89 -8.05
CA LYS A 3 -9.07 19.33 -6.71
C LYS A 3 -10.24 19.01 -5.80
N PHE A 4 -10.01 19.04 -4.49
CA PHE A 4 -11.08 18.81 -3.53
C PHE A 4 -11.37 20.12 -2.81
N ARG A 5 -12.65 20.40 -2.59
CA ARG A 5 -13.05 21.57 -1.84
C ARG A 5 -13.65 20.95 -0.59
N VAL A 6 -13.02 21.19 0.56
CA VAL A 6 -13.52 20.64 1.81
C VAL A 6 -13.85 21.78 2.75
N TYR A 7 -14.96 21.65 3.48
CA TYR A 7 -15.42 22.70 4.38
C TYR A 7 -15.25 22.56 5.88
N GLY A 8 -15.27 23.72 6.53
CA GLY A 8 -15.11 23.88 7.96
C GLY A 8 -15.40 22.78 8.97
N GLN A 9 -14.77 22.93 10.13
CA GLN A 9 -14.86 22.01 11.25
C GLN A 9 -16.03 21.03 11.19
N SER A 10 -15.72 19.75 11.40
CA SER A 10 -16.74 18.71 11.36
C SER A 10 -16.37 17.53 12.25
N ARG A 11 -17.39 16.89 12.82
CA ARG A 11 -17.20 15.72 13.67
C ARG A 11 -17.40 14.52 12.73
N LEU A 12 -16.33 13.79 12.44
CA LEU A 12 -16.44 12.65 11.55
C LEU A 12 -16.88 11.40 12.29
N SER A 13 -18.12 10.98 12.05
CA SER A 13 -18.68 9.80 12.71
C SER A 13 -19.57 8.99 11.77
N GLY A 14 -19.71 7.71 12.06
CA GLY A 14 -20.54 6.87 11.23
C GLY A 14 -19.88 5.56 10.86
N SER A 15 -20.38 4.94 9.81
CA SER A 15 -19.85 3.67 9.35
C SER A 15 -19.22 3.79 7.98
N VAL A 16 -18.16 3.01 7.76
CA VAL A 16 -17.47 3.01 6.49
C VAL A 16 -17.05 1.58 6.18
N ASN A 17 -17.18 1.17 4.93
CA ASN A 17 -16.79 -0.19 4.55
C ASN A 17 -15.35 -0.20 4.04
N ILE A 18 -14.54 -1.09 4.60
CA ILE A 18 -13.15 -1.22 4.21
C ILE A 18 -13.03 -2.14 3.02
N SER A 19 -12.22 -1.73 2.04
CA SER A 19 -12.00 -2.51 0.84
C SER A 19 -10.77 -3.40 0.98
N GLY A 20 -10.47 -4.17 -0.06
CA GLY A 20 -9.31 -5.04 -0.03
C GLY A 20 -8.05 -4.20 -0.09
N ALA A 21 -6.97 -4.71 0.49
CA ALA A 21 -5.71 -4.00 0.51
C ALA A 21 -5.15 -3.75 -0.90
N LYS A 22 -4.90 -2.49 -1.22
CA LYS A 22 -4.34 -2.13 -2.51
C LYS A 22 -3.02 -2.87 -2.70
N ASN A 23 -2.19 -2.89 -1.67
CA ASN A 23 -0.89 -3.53 -1.76
C ASN A 23 -0.85 -5.06 -1.62
N ALA A 24 -2.03 -5.66 -1.63
CA ALA A 24 -2.16 -7.12 -1.58
C ALA A 24 -2.71 -7.46 -2.97
N ALA A 25 -3.65 -6.64 -3.43
CA ALA A 25 -4.23 -6.82 -4.75
C ALA A 25 -3.18 -6.63 -5.84
N LEU A 26 -2.32 -5.63 -5.68
CA LEU A 26 -1.29 -5.37 -6.68
C LEU A 26 -0.33 -6.54 -6.87
N PRO A 27 0.33 -7.02 -5.80
CA PRO A 27 1.23 -8.15 -5.98
C PRO A 27 0.49 -9.43 -6.41
N ILE A 28 -0.75 -9.57 -5.98
CA ILE A 28 -1.54 -10.74 -6.37
C ILE A 28 -1.82 -10.71 -7.87
N LEU A 29 -2.09 -9.52 -8.40
CA LEU A 29 -2.36 -9.36 -9.82
C LEU A 29 -1.15 -9.68 -10.68
N PHE A 30 0.05 -9.33 -10.19
CA PHE A 30 1.27 -9.62 -10.92
C PHE A 30 1.62 -11.10 -10.78
N ALA A 31 1.33 -11.64 -9.60
CA ALA A 31 1.59 -13.05 -9.34
C ALA A 31 0.71 -13.89 -10.25
N ALA A 32 -0.44 -13.32 -10.63
CA ALA A 32 -1.38 -14.01 -11.52
C ALA A 32 -0.77 -14.32 -12.89
N ILE A 33 0.32 -13.66 -13.21
CA ILE A 33 1.01 -13.90 -14.50
C ILE A 33 1.43 -15.38 -14.54
N LEU A 34 1.46 -16.00 -13.35
CA LEU A 34 1.83 -17.40 -13.20
C LEU A 34 0.67 -18.38 -13.41
N ALA A 35 -0.56 -17.88 -13.33
CA ALA A 35 -1.72 -18.74 -13.47
C ALA A 35 -2.01 -19.23 -14.88
N THR A 36 -2.17 -20.55 -15.01
CA THR A 36 -2.47 -21.18 -16.29
C THR A 36 -3.98 -21.42 -16.46
N GLU A 37 -4.74 -21.13 -15.40
CA GLU A 37 -6.19 -21.31 -15.44
C GLU A 37 -6.86 -20.05 -14.91
N PRO A 38 -8.17 -19.87 -15.18
CA PRO A 38 -8.90 -18.68 -14.72
C PRO A 38 -8.72 -18.31 -13.25
N VAL A 39 -8.74 -17.01 -13.00
CA VAL A 39 -8.60 -16.45 -11.66
C VAL A 39 -9.76 -15.49 -11.41
N LYS A 40 -10.29 -15.51 -10.19
CA LYS A 40 -11.38 -14.61 -9.85
C LYS A 40 -11.01 -13.95 -8.53
N LEU A 41 -10.85 -12.63 -8.57
CA LEU A 41 -10.48 -11.89 -7.38
C LEU A 41 -11.65 -11.02 -6.94
N THR A 42 -11.98 -11.08 -5.65
CA THR A 42 -13.05 -10.26 -5.10
C THR A 42 -12.45 -9.32 -4.08
N ASN A 43 -13.24 -8.33 -3.68
CA ASN A 43 -12.83 -7.32 -2.72
C ASN A 43 -11.63 -6.50 -3.21
N VAL A 44 -11.49 -6.35 -4.52
CA VAL A 44 -10.40 -5.57 -5.09
C VAL A 44 -10.87 -4.11 -5.17
N PRO A 45 -10.17 -3.20 -4.47
CA PRO A 45 -10.56 -1.79 -4.49
C PRO A 45 -10.57 -1.18 -5.89
N GLU A 46 -11.36 -0.13 -6.06
CA GLU A 46 -11.47 0.56 -7.34
C GLU A 46 -10.70 1.87 -7.24
N LEU A 47 -9.44 1.81 -7.65
CA LEU A 47 -8.54 2.96 -7.61
C LEU A 47 -7.54 2.82 -8.76
N LYS A 48 -6.92 3.93 -9.13
CA LYS A 48 -6.00 3.95 -10.26
C LYS A 48 -4.91 2.87 -10.32
N ASP A 49 -4.27 2.57 -9.20
CA ASP A 49 -3.23 1.56 -9.21
C ASP A 49 -3.71 0.23 -9.81
N ILE A 50 -4.95 -0.14 -9.54
CA ILE A 50 -5.48 -1.39 -10.10
C ILE A 50 -5.62 -1.25 -11.61
N GLU A 51 -6.14 -0.12 -12.07
CA GLU A 51 -6.32 0.11 -13.50
C GLU A 51 -4.99 0.08 -14.26
N THR A 52 -3.95 0.66 -13.68
CA THR A 52 -2.65 0.68 -14.31
C THR A 52 -2.11 -0.73 -14.43
N THR A 53 -2.32 -1.52 -13.40
CA THR A 53 -1.86 -2.90 -13.39
C THR A 53 -2.58 -3.67 -14.49
N LEU A 54 -3.88 -3.45 -14.62
CA LEU A 54 -4.64 -4.13 -15.65
C LEU A 54 -4.12 -3.77 -17.05
N LYS A 55 -3.74 -2.51 -17.25
CA LYS A 55 -3.22 -2.07 -18.55
C LYS A 55 -1.92 -2.79 -18.87
N ILE A 56 -1.08 -2.97 -17.85
CA ILE A 56 0.20 -3.65 -18.03
C ILE A 56 -0.04 -5.11 -18.33
N LEU A 57 -0.96 -5.71 -17.57
CA LEU A 57 -1.32 -7.11 -17.74
C LEU A 57 -1.88 -7.36 -19.13
N ARG A 58 -2.79 -6.51 -19.58
CA ARG A 58 -3.39 -6.69 -20.91
C ARG A 58 -2.37 -6.64 -22.04
N GLN A 59 -1.38 -5.77 -21.95
CA GLN A 59 -0.39 -5.69 -23.02
C GLN A 59 0.60 -6.86 -23.00
N LEU A 60 0.40 -7.80 -22.07
CA LEU A 60 1.23 -9.00 -21.99
C LEU A 60 0.47 -10.16 -22.64
N GLY A 61 -0.83 -9.97 -22.87
CA GLY A 61 -1.64 -11.01 -23.46
C GLY A 61 -2.67 -11.53 -22.47
N VAL A 62 -2.66 -10.98 -21.26
CA VAL A 62 -3.61 -11.38 -20.23
C VAL A 62 -4.97 -10.74 -20.52
N VAL A 63 -6.03 -11.53 -20.41
CA VAL A 63 -7.38 -11.02 -20.60
C VAL A 63 -7.90 -10.84 -19.18
N VAL A 64 -8.17 -9.59 -18.79
CA VAL A 64 -8.65 -9.32 -17.44
C VAL A 64 -9.55 -8.09 -17.41
N ASP A 65 -10.69 -8.23 -16.73
CA ASP A 65 -11.66 -7.14 -16.60
C ASP A 65 -12.49 -7.34 -15.33
N ARG A 66 -12.96 -6.24 -14.76
CA ARG A 66 -13.80 -6.30 -13.58
C ARG A 66 -15.22 -6.38 -14.15
N ASP A 67 -16.04 -7.29 -13.63
CA ASP A 67 -17.40 -7.39 -14.15
C ASP A 67 -18.36 -6.52 -13.33
N ALA A 68 -19.64 -6.60 -13.65
CA ALA A 68 -20.68 -5.81 -12.98
C ALA A 68 -20.83 -6.10 -11.50
N THR A 69 -20.34 -7.25 -11.06
CA THR A 69 -20.41 -7.60 -9.64
C THR A 69 -19.24 -6.96 -8.92
N GLY A 70 -18.30 -6.40 -9.68
CA GLY A 70 -17.13 -5.78 -9.07
C GLY A 70 -15.94 -6.71 -8.97
N ALA A 71 -16.16 -7.99 -9.26
CA ALA A 71 -15.10 -8.98 -9.21
C ALA A 71 -14.16 -8.85 -10.41
N VAL A 72 -12.89 -9.18 -10.21
CA VAL A 72 -11.91 -9.10 -11.28
C VAL A 72 -11.65 -10.50 -11.83
N LEU A 73 -12.01 -10.70 -13.08
CA LEU A 73 -11.82 -11.98 -13.75
C LEU A 73 -10.56 -11.88 -14.58
N LEU A 74 -9.67 -12.86 -14.42
CA LEU A 74 -8.40 -12.84 -15.13
C LEU A 74 -8.03 -14.15 -15.80
N ASP A 75 -7.55 -14.06 -17.03
CA ASP A 75 -7.14 -15.23 -17.78
C ASP A 75 -5.74 -14.95 -18.34
N ALA A 76 -4.74 -15.58 -17.75
CA ALA A 76 -3.35 -15.40 -18.19
C ALA A 76 -2.82 -16.64 -18.93
N SER A 77 -3.74 -17.44 -19.47
CA SER A 77 -3.37 -18.66 -20.19
C SER A 77 -2.60 -18.44 -21.48
N ASN A 78 -2.66 -17.23 -22.04
CA ASN A 78 -1.98 -16.97 -23.32
C ASN A 78 -1.11 -15.71 -23.38
N ILE A 79 -0.20 -15.55 -22.43
CA ILE A 79 0.68 -14.40 -22.44
C ILE A 79 1.63 -14.58 -23.63
N ASN A 80 1.69 -13.57 -24.51
CA ASN A 80 2.53 -13.65 -25.69
C ASN A 80 3.52 -12.50 -25.83
N HIS A 81 3.52 -11.59 -24.86
CA HIS A 81 4.45 -10.46 -24.84
C HIS A 81 5.06 -10.51 -23.44
N PHE A 82 6.35 -10.21 -23.34
CA PHE A 82 7.03 -10.31 -22.06
C PHE A 82 7.76 -9.04 -21.61
N THR A 83 7.19 -7.90 -21.96
CA THR A 83 7.77 -6.60 -21.59
C THR A 83 6.74 -5.68 -20.94
N ALA A 84 7.12 -5.07 -19.83
CA ALA A 84 6.27 -4.07 -19.16
C ALA A 84 6.96 -2.79 -19.62
N PRO A 85 6.33 -2.05 -20.55
CA PRO A 85 6.85 -0.81 -21.12
C PRO A 85 7.06 0.41 -20.22
N TYR A 86 8.12 1.14 -20.53
CA TYR A 86 8.47 2.35 -19.79
C TYR A 86 7.29 3.30 -19.60
N GLU A 87 6.50 3.47 -20.66
CA GLU A 87 5.34 4.34 -20.65
C GLU A 87 4.37 4.05 -19.50
N LEU A 88 4.28 2.79 -19.10
CA LEU A 88 3.39 2.40 -18.02
C LEU A 88 4.13 2.27 -16.68
N VAL A 89 5.30 1.65 -16.71
CA VAL A 89 6.10 1.45 -15.51
C VAL A 89 6.42 2.74 -14.75
N LYS A 90 6.71 3.81 -15.49
CA LYS A 90 7.05 5.10 -14.88
C LYS A 90 5.93 5.68 -14.02
N THR A 91 4.70 5.23 -14.23
CA THR A 91 3.58 5.74 -13.46
C THR A 91 3.36 4.97 -12.17
N MET A 92 3.94 3.77 -12.07
CA MET A 92 3.77 2.95 -10.88
C MET A 92 4.92 1.95 -10.80
N ARG A 93 5.95 2.31 -10.01
CA ARG A 93 7.14 1.48 -9.87
C ARG A 93 6.91 0.06 -9.38
N ALA A 94 5.76 -0.19 -8.77
CA ALA A 94 5.44 -1.53 -8.29
C ALA A 94 5.38 -2.53 -9.44
N SER A 95 5.26 -2.01 -10.67
CA SER A 95 5.20 -2.86 -11.84
C SER A 95 6.46 -3.71 -12.01
N ILE A 96 7.45 -3.45 -11.15
CA ILE A 96 8.70 -4.19 -11.19
C ILE A 96 8.38 -5.65 -10.85
N TRP A 97 7.23 -5.86 -10.23
CA TRP A 97 6.78 -7.20 -9.84
C TRP A 97 6.45 -8.07 -11.04
N ALA A 98 6.42 -7.49 -12.23
CA ALA A 98 6.10 -8.27 -13.43
C ALA A 98 7.28 -9.13 -13.88
N LEU A 99 8.49 -8.69 -13.56
CA LEU A 99 9.72 -9.39 -13.97
C LEU A 99 9.85 -10.81 -13.41
N ALA A 100 9.67 -10.93 -12.09
CA ALA A 100 9.78 -12.22 -11.41
C ALA A 100 8.92 -13.34 -11.98
N PRO A 101 7.59 -13.15 -12.05
CA PRO A 101 6.74 -14.23 -12.60
C PRO A 101 6.99 -14.52 -14.08
N LEU A 102 7.26 -13.47 -14.85
CA LEU A 102 7.52 -13.63 -16.28
C LEU A 102 8.71 -14.55 -16.54
N VAL A 103 9.81 -14.31 -15.84
CA VAL A 103 11.00 -15.13 -16.05
C VAL A 103 10.88 -16.51 -15.43
N ALA A 104 10.11 -16.61 -14.35
CA ALA A 104 9.93 -17.90 -13.70
C ALA A 104 9.09 -18.84 -14.54
N ARG A 105 8.07 -18.29 -15.20
CA ARG A 105 7.17 -19.10 -16.02
C ARG A 105 7.57 -19.19 -17.49
N PHE A 106 8.04 -18.08 -18.06
CA PHE A 106 8.43 -18.06 -19.46
C PHE A 106 9.93 -18.01 -19.71
N HIS A 107 10.70 -17.96 -18.62
CA HIS A 107 12.16 -17.93 -18.68
C HIS A 107 12.77 -16.69 -19.30
N GLN A 108 11.96 -15.64 -19.41
CA GLN A 108 12.42 -14.37 -19.95
C GLN A 108 11.43 -13.30 -19.54
N GLY A 109 11.94 -12.10 -19.34
CA GLY A 109 11.09 -10.99 -18.93
C GLY A 109 11.83 -9.69 -19.07
N GLN A 110 11.08 -8.61 -19.22
CA GLN A 110 11.68 -7.30 -19.40
C GLN A 110 10.81 -6.23 -18.76
N VAL A 111 11.41 -5.40 -17.93
CA VAL A 111 10.68 -4.33 -17.27
C VAL A 111 11.53 -3.07 -17.18
N SER A 112 10.93 -1.93 -17.49
CA SER A 112 11.64 -0.67 -17.44
C SER A 112 12.13 -0.46 -16.02
N LEU A 113 13.39 -0.04 -15.86
CA LEU A 113 13.96 0.19 -14.55
C LEU A 113 13.33 1.43 -13.95
N PRO A 114 12.71 1.29 -12.76
CA PRO A 114 12.09 2.45 -12.14
C PRO A 114 13.10 3.59 -11.92
N GLY A 115 12.68 4.80 -12.22
CA GLY A 115 13.55 5.95 -12.07
C GLY A 115 13.39 6.57 -10.69
N GLY A 116 13.39 7.89 -10.62
CA GLY A 116 13.24 8.56 -9.34
C GLY A 116 11.81 8.62 -8.82
N CYS A 117 11.69 8.71 -7.50
CA CYS A 117 10.38 8.82 -6.84
C CYS A 117 10.51 9.89 -5.77
N SER A 118 9.51 10.76 -5.69
CA SER A 118 9.53 11.85 -4.71
C SER A 118 9.88 11.48 -3.27
N ILE A 119 9.12 10.56 -2.68
CA ILE A 119 9.33 10.17 -1.27
C ILE A 119 10.69 9.62 -0.86
N GLY A 120 11.56 9.32 -1.81
CA GLY A 120 12.87 8.80 -1.44
C GLY A 120 13.58 7.93 -2.45
N ALA A 121 14.76 7.45 -2.06
CA ALA A 121 15.56 6.57 -2.92
C ALA A 121 14.91 5.20 -2.85
N ARG A 122 14.55 4.65 -3.99
CA ARG A 122 13.90 3.34 -4.01
C ARG A 122 14.47 2.38 -5.05
N PRO A 123 15.74 2.01 -4.90
CA PRO A 123 16.34 1.09 -5.87
C PRO A 123 15.67 -0.27 -5.75
N VAL A 124 15.92 -1.16 -6.71
CA VAL A 124 15.33 -2.48 -6.69
C VAL A 124 16.43 -3.54 -6.79
N ASP A 125 17.63 -3.14 -6.36
CA ASP A 125 18.80 -4.01 -6.38
C ASP A 125 18.53 -5.36 -5.71
N LEU A 126 17.72 -5.35 -4.66
CA LEU A 126 17.42 -6.59 -3.94
C LEU A 126 16.55 -7.53 -4.77
N HIS A 127 15.67 -6.96 -5.59
CA HIS A 127 14.81 -7.79 -6.44
C HIS A 127 15.72 -8.52 -7.44
N ILE A 128 16.53 -7.74 -8.17
CA ILE A 128 17.45 -8.29 -9.17
C ILE A 128 18.37 -9.32 -8.52
N SER A 129 18.99 -8.92 -7.42
CA SER A 129 19.90 -9.80 -6.71
C SER A 129 19.24 -11.14 -6.37
N GLY A 130 18.01 -11.09 -5.85
CA GLY A 130 17.31 -12.31 -5.49
C GLY A 130 16.99 -13.22 -6.68
N LEU A 131 16.57 -12.62 -7.78
CA LEU A 131 16.27 -13.40 -8.97
C LEU A 131 17.55 -14.01 -9.53
N GLU A 132 18.65 -13.25 -9.47
CA GLU A 132 19.94 -13.75 -9.95
C GLU A 132 20.36 -14.98 -9.16
N LYS A 133 20.07 -15.01 -7.85
CA LYS A 133 20.43 -16.16 -7.02
C LYS A 133 19.60 -17.39 -7.37
N LEU A 134 18.45 -17.16 -8.00
CA LEU A 134 17.58 -18.26 -8.41
C LEU A 134 18.02 -18.85 -9.75
N GLY A 135 18.98 -18.18 -10.39
CA GLY A 135 19.49 -18.68 -11.67
C GLY A 135 19.25 -17.79 -12.86
N ALA A 136 18.70 -16.60 -12.64
CA ALA A 136 18.41 -15.68 -13.73
C ALA A 136 19.60 -14.81 -14.12
N ASP A 137 19.76 -14.59 -15.42
CA ASP A 137 20.83 -13.73 -15.93
C ASP A 137 20.12 -12.40 -16.17
N ILE A 138 20.59 -11.33 -15.54
CA ILE A 138 19.95 -10.04 -15.73
C ILE A 138 20.91 -8.95 -16.18
N VAL A 139 20.45 -8.14 -17.12
CA VAL A 139 21.26 -7.05 -17.65
C VAL A 139 20.37 -5.82 -17.79
N LEU A 140 21.00 -4.66 -17.83
CA LEU A 140 20.28 -3.40 -18.00
C LEU A 140 20.63 -2.88 -19.38
N GLU A 141 19.64 -2.84 -20.27
CA GLU A 141 19.86 -2.36 -21.62
C GLU A 141 18.81 -1.33 -22.00
N GLU A 142 19.27 -0.17 -22.46
CA GLU A 142 18.41 0.92 -22.89
C GLU A 142 17.32 1.28 -21.87
N GLY A 143 17.64 1.19 -20.59
CA GLY A 143 16.69 1.53 -19.56
C GLY A 143 15.78 0.39 -19.13
N TYR A 144 16.05 -0.79 -19.67
CA TYR A 144 15.25 -1.97 -19.33
C TYR A 144 16.02 -3.03 -18.58
N VAL A 145 15.39 -3.59 -17.55
CA VAL A 145 15.99 -4.68 -16.79
C VAL A 145 15.57 -5.92 -17.59
N LYS A 146 16.54 -6.57 -18.22
CA LYS A 146 16.26 -7.76 -19.01
C LYS A 146 16.70 -9.02 -18.29
N ALA A 147 15.74 -9.91 -18.06
CA ALA A 147 16.01 -11.17 -17.37
C ALA A 147 15.87 -12.35 -18.31
N GLN A 148 16.74 -13.33 -18.12
CA GLN A 148 16.76 -14.52 -18.97
C GLN A 148 17.24 -15.69 -18.12
N VAL A 149 16.80 -16.88 -18.49
CA VAL A 149 17.21 -18.10 -17.82
C VAL A 149 17.02 -19.23 -18.84
N SER A 150 18.06 -20.04 -19.02
CA SER A 150 18.00 -21.14 -19.98
C SER A 150 17.06 -22.26 -19.58
N ASP A 151 17.00 -22.56 -18.29
CA ASP A 151 16.14 -23.62 -17.79
C ASP A 151 15.29 -23.11 -16.62
N ARG A 152 14.52 -24.00 -16.04
CA ARG A 152 13.68 -23.67 -14.89
C ARG A 152 14.60 -23.09 -13.81
N LEU A 153 14.08 -22.18 -13.00
CA LEU A 153 14.88 -21.58 -11.93
C LEU A 153 15.24 -22.66 -10.90
N VAL A 154 16.24 -22.38 -10.08
CA VAL A 154 16.67 -23.35 -9.07
C VAL A 154 16.58 -22.76 -7.66
N GLY A 155 15.81 -23.43 -6.80
CA GLY A 155 15.65 -22.95 -5.44
C GLY A 155 16.92 -23.04 -4.62
N THR A 156 17.13 -22.06 -3.74
CA THR A 156 18.30 -22.02 -2.88
C THR A 156 18.03 -21.10 -1.68
N ARG A 157 18.97 -21.08 -0.73
CA ARG A 157 18.85 -20.23 0.46
C ARG A 157 19.14 -18.80 0.05
N ILE A 158 18.25 -17.88 0.41
CA ILE A 158 18.43 -16.48 0.04
C ILE A 158 18.21 -15.55 1.24
N VAL A 159 19.25 -14.81 1.62
CA VAL A 159 19.17 -13.89 2.74
C VAL A 159 19.12 -12.44 2.28
N ILE A 160 17.95 -11.84 2.32
CA ILE A 160 17.80 -10.44 1.92
C ILE A 160 18.35 -9.63 3.08
N GLU A 161 19.41 -8.87 2.83
CA GLU A 161 20.06 -8.08 3.88
C GLU A 161 19.24 -6.93 4.46
N LYS A 162 18.24 -6.48 3.72
CA LYS A 162 17.39 -5.41 4.22
C LYS A 162 15.97 -5.94 4.23
N VAL A 163 15.15 -5.44 5.14
CA VAL A 163 13.76 -5.88 5.18
C VAL A 163 13.09 -5.17 4.02
N SER A 164 12.68 -5.94 3.02
CA SER A 164 12.03 -5.39 1.83
C SER A 164 10.75 -6.11 1.43
N VAL A 165 9.65 -5.39 1.41
CA VAL A 165 8.36 -5.93 1.03
C VAL A 165 8.43 -6.38 -0.44
N GLY A 166 8.83 -5.46 -1.31
CA GLY A 166 8.91 -5.75 -2.73
C GLY A 166 9.82 -6.90 -3.09
N ALA A 167 11.03 -6.91 -2.56
CA ALA A 167 11.99 -7.97 -2.86
C ALA A 167 11.51 -9.33 -2.33
N THR A 168 10.87 -9.30 -1.16
CA THR A 168 10.36 -10.53 -0.56
C THR A 168 9.30 -11.13 -1.47
N LEU A 169 8.51 -10.26 -2.10
CA LEU A 169 7.45 -10.72 -2.99
C LEU A 169 7.94 -11.16 -4.38
N SER A 170 8.94 -10.49 -4.92
CA SER A 170 9.48 -10.86 -6.23
C SER A 170 10.08 -12.26 -6.12
N ILE A 171 10.97 -12.44 -5.16
CA ILE A 171 11.63 -13.72 -4.91
C ILE A 171 10.65 -14.85 -4.64
N MET A 172 9.67 -14.60 -3.76
CA MET A 172 8.68 -15.63 -3.45
C MET A 172 7.93 -16.04 -4.72
N MET A 173 7.49 -15.05 -5.51
CA MET A 173 6.77 -15.34 -6.75
C MET A 173 7.59 -16.26 -7.64
N ALA A 174 8.83 -15.88 -7.92
CA ALA A 174 9.71 -16.66 -8.77
C ALA A 174 9.99 -18.04 -8.19
N ALA A 175 10.10 -18.13 -6.87
CA ALA A 175 10.40 -19.39 -6.20
C ALA A 175 9.33 -20.47 -6.35
N THR A 176 8.08 -20.07 -6.59
CA THR A 176 6.99 -21.05 -6.73
C THR A 176 7.13 -21.98 -7.93
N LEU A 177 7.93 -21.57 -8.92
CA LEU A 177 8.14 -22.37 -10.12
C LEU A 177 9.58 -22.86 -10.28
N ALA A 178 10.41 -22.61 -9.27
CA ALA A 178 11.82 -23.05 -9.30
C ALA A 178 11.94 -24.52 -8.93
N LYS A 179 13.04 -25.14 -9.34
CA LYS A 179 13.26 -26.55 -9.02
C LYS A 179 13.85 -26.67 -7.62
N GLY A 180 13.25 -27.51 -6.79
CA GLY A 180 13.74 -27.68 -5.45
C GLY A 180 13.09 -26.71 -4.49
N THR A 181 13.76 -26.44 -3.38
CA THR A 181 13.23 -25.56 -2.36
C THR A 181 14.01 -24.27 -2.16
N THR A 182 13.27 -23.17 -1.99
CA THR A 182 13.88 -21.88 -1.76
C THR A 182 13.56 -21.47 -0.32
N VAL A 183 14.51 -20.77 0.30
CA VAL A 183 14.32 -20.31 1.67
C VAL A 183 14.65 -18.83 1.71
N ILE A 184 13.67 -18.01 2.06
CA ILE A 184 13.89 -16.57 2.14
C ILE A 184 14.03 -16.14 3.60
N GLU A 185 15.27 -15.86 4.00
CA GLU A 185 15.56 -15.43 5.37
C GLU A 185 15.50 -13.91 5.40
N ASN A 186 15.05 -13.37 6.54
CA ASN A 186 14.93 -11.93 6.73
C ASN A 186 13.80 -11.36 5.87
N ALA A 187 12.87 -12.22 5.49
CA ALA A 187 11.73 -11.81 4.68
C ALA A 187 10.90 -10.75 5.40
N ALA A 188 10.25 -9.88 4.64
CA ALA A 188 9.38 -8.86 5.21
C ALA A 188 8.17 -9.66 5.68
N ARG A 189 7.48 -9.18 6.72
CA ARG A 189 6.33 -9.88 7.29
C ARG A 189 4.95 -9.28 7.02
N GLU A 190 4.88 -8.18 6.28
CA GLU A 190 3.59 -7.53 5.99
C GLU A 190 2.44 -8.48 5.65
N PRO A 191 1.22 -8.14 6.11
CA PRO A 191 -0.01 -8.92 5.89
C PRO A 191 -0.31 -9.16 4.40
N GLU A 192 0.10 -8.23 3.54
CA GLU A 192 -0.12 -8.38 2.11
C GLU A 192 0.73 -9.52 1.56
N ILE A 193 1.86 -9.77 2.22
CA ILE A 193 2.74 -10.84 1.79
C ILE A 193 2.09 -12.17 2.14
N VAL A 194 1.42 -12.20 3.29
CA VAL A 194 0.73 -13.40 3.75
C VAL A 194 -0.40 -13.70 2.77
N ASP A 195 -1.13 -12.65 2.37
CA ASP A 195 -2.25 -12.82 1.46
C ASP A 195 -1.85 -13.29 0.07
N THR A 196 -0.73 -12.78 -0.44
CA THR A 196 -0.24 -13.17 -1.76
C THR A 196 0.18 -14.64 -1.69
N ALA A 197 0.84 -15.00 -0.60
CA ALA A 197 1.27 -16.38 -0.42
C ALA A 197 0.08 -17.33 -0.35
N ASP A 198 -1.01 -16.90 0.30
CA ASP A 198 -2.22 -17.71 0.40
C ASP A 198 -2.83 -17.85 -0.99
N PHE A 199 -2.80 -16.77 -1.75
CA PHE A 199 -3.32 -16.76 -3.11
C PHE A 199 -2.55 -17.77 -3.97
N LEU A 200 -1.22 -17.69 -3.93
CA LEU A 200 -0.39 -18.61 -4.71
C LEU A 200 -0.62 -20.07 -4.31
N ASN A 201 -0.79 -20.32 -3.01
CA ASN A 201 -1.02 -21.67 -2.53
C ASN A 201 -2.33 -22.24 -3.07
N LYS A 202 -3.34 -21.38 -3.20
CA LYS A 202 -4.63 -21.85 -3.72
C LYS A 202 -4.50 -22.27 -5.18
N MET A 203 -3.38 -21.94 -5.80
CA MET A 203 -3.16 -22.29 -7.20
C MET A 203 -2.14 -23.42 -7.37
N GLY A 204 -1.75 -24.05 -6.26
CA GLY A 204 -0.81 -25.15 -6.33
C GLY A 204 0.57 -24.88 -5.75
N ALA A 205 0.83 -23.65 -5.31
CA ALA A 205 2.12 -23.33 -4.73
C ALA A 205 2.26 -24.06 -3.40
N LYS A 206 3.46 -24.02 -2.84
CA LYS A 206 3.74 -24.67 -1.57
C LYS A 206 4.65 -23.75 -0.77
N ILE A 207 4.05 -22.70 -0.23
CA ILE A 207 4.74 -21.69 0.55
C ILE A 207 4.29 -21.77 2.02
N THR A 208 5.27 -21.78 2.92
CA THR A 208 4.99 -21.83 4.34
C THR A 208 5.88 -20.77 4.99
N GLY A 209 5.49 -20.29 6.16
CA GLY A 209 6.29 -19.29 6.85
C GLY A 209 5.95 -17.87 6.50
N ALA A 210 5.05 -17.66 5.55
CA ALA A 210 4.65 -16.30 5.17
C ALA A 210 4.12 -15.62 6.42
N GLY A 211 4.58 -14.41 6.66
CA GLY A 211 4.17 -13.68 7.84
C GLY A 211 5.34 -13.66 8.81
N SER A 212 6.27 -14.60 8.62
CA SER A 212 7.47 -14.68 9.45
C SER A 212 8.66 -14.22 8.61
N ALA A 213 9.83 -14.15 9.23
CA ALA A 213 11.04 -13.72 8.52
C ALA A 213 11.72 -14.91 7.84
N HIS A 214 11.09 -16.07 7.92
CA HIS A 214 11.64 -17.31 7.34
C HIS A 214 10.61 -17.98 6.43
N ILE A 215 10.75 -17.76 5.12
CA ILE A 215 9.83 -18.34 4.15
C ILE A 215 10.39 -19.57 3.46
N THR A 216 9.57 -20.61 3.36
CA THR A 216 10.00 -21.84 2.71
C THR A 216 9.06 -22.10 1.53
N ILE A 217 9.65 -22.28 0.36
CA ILE A 217 8.89 -22.52 -0.86
C ILE A 217 9.38 -23.75 -1.59
N GLU A 218 8.48 -24.69 -1.84
CA GLU A 218 8.83 -25.90 -2.56
C GLU A 218 8.33 -25.71 -3.98
N GLY A 219 9.26 -25.44 -4.89
CA GLY A 219 8.90 -25.22 -6.28
C GLY A 219 8.05 -26.28 -6.95
N VAL A 220 7.20 -25.83 -7.87
CA VAL A 220 6.35 -26.73 -8.62
C VAL A 220 6.48 -26.40 -10.10
N GLU A 221 6.05 -27.33 -10.94
CA GLU A 221 6.13 -27.19 -12.38
C GLU A 221 5.30 -26.02 -12.92
N ARG A 222 4.05 -25.93 -12.49
CA ARG A 222 3.17 -24.84 -12.93
C ARG A 222 2.04 -24.59 -11.93
N LEU A 223 1.48 -23.40 -11.99
CA LEU A 223 0.38 -23.03 -11.11
C LEU A 223 -0.91 -23.01 -11.93
N THR A 224 -2.03 -23.34 -11.30
CA THR A 224 -3.31 -23.37 -11.99
C THR A 224 -4.09 -22.06 -11.89
N GLY A 225 -5.13 -22.05 -11.05
CA GLY A 225 -5.94 -20.86 -10.88
C GLY A 225 -6.78 -20.94 -9.62
N CYS A 226 -7.59 -19.92 -9.34
CA CYS A 226 -8.40 -19.95 -8.13
C CYS A 226 -9.31 -18.73 -8.02
N GLU A 227 -10.05 -18.69 -6.93
CA GLU A 227 -10.90 -17.55 -6.62
C GLU A 227 -10.32 -17.07 -5.30
N HIS A 228 -10.14 -15.77 -5.16
CA HIS A 228 -9.56 -15.25 -3.94
C HIS A 228 -10.16 -13.92 -3.53
N SER A 229 -10.39 -13.78 -2.23
CA SER A 229 -10.93 -12.55 -1.66
C SER A 229 -9.75 -11.82 -1.02
N VAL A 230 -9.43 -10.63 -1.52
CA VAL A 230 -8.31 -9.86 -1.02
C VAL A 230 -8.46 -9.45 0.45
N VAL A 231 -7.36 -9.57 1.20
CA VAL A 231 -7.33 -9.22 2.62
C VAL A 231 -7.68 -7.74 2.82
N PRO A 232 -8.44 -7.44 3.88
CA PRO A 232 -8.84 -6.05 4.17
C PRO A 232 -7.64 -5.11 4.19
N ASP A 233 -7.85 -3.87 3.76
CA ASP A 233 -6.77 -2.87 3.73
C ASP A 233 -6.57 -2.21 5.10
N ARG A 234 -5.49 -2.59 5.78
CA ARG A 234 -5.16 -2.05 7.10
C ARG A 234 -4.93 -0.53 7.08
N ILE A 235 -4.38 -0.03 5.98
CA ILE A 235 -4.09 1.40 5.87
C ILE A 235 -5.34 2.25 5.66
N GLU A 236 -6.30 1.72 4.91
CA GLU A 236 -7.55 2.46 4.70
C GLU A 236 -8.27 2.45 6.05
N THR A 237 -8.25 1.32 6.74
CA THR A 237 -8.88 1.20 8.05
C THR A 237 -8.25 2.22 9.00
N GLY A 238 -6.92 2.21 9.09
CA GLY A 238 -6.22 3.13 9.96
C GLY A 238 -6.58 4.57 9.66
N THR A 239 -6.64 4.90 8.38
CA THR A 239 -6.98 6.25 7.94
C THR A 239 -8.35 6.70 8.44
N PHE A 240 -9.35 5.82 8.37
CA PHE A 240 -10.67 6.19 8.82
C PHE A 240 -10.79 6.23 10.34
N LEU A 241 -10.04 5.38 11.02
CA LEU A 241 -10.05 5.40 12.48
C LEU A 241 -9.46 6.75 12.90
N ILE A 242 -8.46 7.20 12.16
CA ILE A 242 -7.81 8.48 12.43
C ILE A 242 -8.76 9.63 12.19
N ALA A 243 -9.66 9.46 11.22
CA ALA A 243 -10.63 10.51 10.89
C ALA A 243 -11.45 10.84 12.14
N ALA A 244 -11.80 9.82 12.90
CA ALA A 244 -12.58 10.00 14.12
C ALA A 244 -11.68 10.55 15.23
N ALA A 245 -10.47 10.01 15.33
CA ALA A 245 -9.52 10.43 16.36
C ALA A 245 -9.15 11.91 16.30
N ILE A 246 -9.09 12.47 15.09
CA ILE A 246 -8.73 13.87 14.93
C ILE A 246 -9.92 14.82 14.99
N SER A 247 -11.12 14.27 14.95
CA SER A 247 -12.33 15.08 14.97
C SER A 247 -13.19 14.83 16.20
N GLY A 248 -12.70 13.96 17.10
CA GLY A 248 -13.45 13.63 18.29
C GLY A 248 -14.71 12.86 17.97
N GLY A 249 -14.77 12.29 16.77
CA GLY A 249 -15.94 11.54 16.38
C GLY A 249 -15.90 10.08 16.79
N CYS A 250 -16.80 9.28 16.21
CA CYS A 250 -16.88 7.86 16.49
C CYS A 250 -17.09 7.17 15.13
N VAL A 251 -16.13 6.36 14.73
CA VAL A 251 -16.24 5.68 13.44
C VAL A 251 -16.16 4.16 13.57
N VAL A 252 -16.97 3.49 12.76
CA VAL A 252 -17.00 2.04 12.76
C VAL A 252 -16.54 1.57 11.38
N CYS A 253 -15.46 0.81 11.35
CA CYS A 253 -14.95 0.27 10.09
C CYS A 253 -15.47 -1.15 9.91
N GLN A 254 -16.16 -1.40 8.80
CA GLN A 254 -16.73 -2.72 8.50
C GLN A 254 -15.82 -3.57 7.61
N ASN A 255 -15.86 -4.88 7.84
CA ASN A 255 -15.06 -5.83 7.06
C ASN A 255 -13.57 -5.62 7.22
N THR A 256 -13.14 -5.50 8.47
CA THR A 256 -11.75 -5.29 8.80
C THR A 256 -11.11 -6.60 9.25
N LYS A 257 -9.78 -6.60 9.36
CA LYS A 257 -9.09 -7.78 9.86
C LYS A 257 -8.48 -7.31 11.17
N ALA A 258 -8.93 -7.96 12.25
CA ALA A 258 -8.52 -7.64 13.61
C ALA A 258 -7.05 -7.37 13.94
N ASP A 259 -6.18 -8.31 13.60
CA ASP A 259 -4.76 -8.24 13.95
C ASP A 259 -3.71 -7.65 13.00
N THR A 260 -4.10 -6.83 12.04
CA THR A 260 -3.12 -6.25 11.13
C THR A 260 -2.74 -4.81 11.49
N LEU A 261 -3.40 -4.29 12.53
CA LEU A 261 -3.17 -2.91 12.99
C LEU A 261 -2.78 -2.73 14.45
N ASP A 262 -2.19 -3.74 15.07
CA ASP A 262 -1.82 -3.62 16.48
C ASP A 262 -1.01 -2.37 16.83
N ALA A 263 0.02 -2.04 16.03
CA ALA A 263 0.84 -0.86 16.32
C ALA A 263 0.00 0.40 16.25
N VAL A 264 -0.77 0.51 15.17
CA VAL A 264 -1.64 1.66 14.94
C VAL A 264 -2.69 1.79 16.05
N ILE A 265 -3.34 0.67 16.36
CA ILE A 265 -4.38 0.67 17.38
C ILE A 265 -3.81 1.08 18.75
N ASP A 266 -2.64 0.56 19.10
CA ASP A 266 -2.02 0.90 20.38
C ASP A 266 -1.72 2.39 20.49
N LYS A 267 -1.26 3.00 19.38
CA LYS A 267 -0.95 4.42 19.37
C LYS A 267 -2.21 5.26 19.50
N LEU A 268 -3.29 4.81 18.88
CA LEU A 268 -4.56 5.50 18.96
C LEU A 268 -5.02 5.49 20.41
N ARG A 269 -4.81 4.38 21.10
CA ARG A 269 -5.19 4.26 22.51
C ARG A 269 -4.26 5.13 23.35
N GLU A 270 -2.98 5.11 23.01
CA GLU A 270 -2.02 5.93 23.74
C GLU A 270 -2.45 7.39 23.61
N ALA A 271 -3.05 7.74 22.47
CA ALA A 271 -3.50 9.10 22.21
C ALA A 271 -4.82 9.45 22.89
N GLY A 272 -5.40 8.49 23.60
CA GLY A 272 -6.65 8.74 24.31
C GLY A 272 -7.90 8.19 23.67
N ALA A 273 -7.75 7.41 22.61
CA ALA A 273 -8.93 6.85 21.93
C ALA A 273 -9.38 5.51 22.52
N GLN A 274 -10.69 5.28 22.44
CA GLN A 274 -11.26 4.03 22.91
C GLN A 274 -11.53 3.23 21.63
N VAL A 275 -10.89 2.08 21.47
CA VAL A 275 -11.12 1.28 20.27
C VAL A 275 -11.59 -0.13 20.61
N ASP A 276 -12.67 -0.53 19.95
CA ASP A 276 -13.26 -1.84 20.17
C ASP A 276 -13.06 -2.70 18.91
N VAL A 277 -12.37 -3.82 19.07
CA VAL A 277 -12.08 -4.72 17.97
C VAL A 277 -12.89 -6.02 17.99
N THR A 278 -13.66 -6.25 16.93
CA THR A 278 -14.42 -7.49 16.83
C THR A 278 -13.74 -8.25 15.68
N GLU A 279 -14.18 -9.48 15.41
CA GLU A 279 -13.56 -10.24 14.35
C GLU A 279 -13.65 -9.58 12.98
N ASN A 280 -14.77 -8.88 12.73
CA ASN A 280 -14.96 -8.24 11.42
C ASN A 280 -15.11 -6.73 11.41
N SER A 281 -14.92 -6.09 12.57
CA SER A 281 -15.01 -4.62 12.61
C SER A 281 -14.10 -4.01 13.67
N ILE A 282 -13.87 -2.71 13.54
CA ILE A 282 -13.06 -1.95 14.48
C ILE A 282 -13.78 -0.64 14.67
N THR A 283 -14.01 -0.26 15.93
CA THR A 283 -14.69 0.98 16.22
C THR A 283 -13.81 1.87 17.08
N LEU A 284 -13.67 3.13 16.68
CA LEU A 284 -12.88 4.07 17.46
C LEU A 284 -13.81 5.17 17.92
N ASP A 285 -13.81 5.43 19.21
CA ASP A 285 -14.65 6.48 19.77
C ASP A 285 -13.70 7.41 20.50
N MET A 286 -13.59 8.64 20.02
CA MET A 286 -12.69 9.61 20.63
C MET A 286 -13.36 10.31 21.80
N LEU A 287 -14.62 9.94 22.07
CA LEU A 287 -15.40 10.51 23.17
C LEU A 287 -15.41 12.04 23.15
N GLY A 288 -15.33 12.61 21.96
CA GLY A 288 -15.33 14.05 21.82
C GLY A 288 -14.15 14.74 22.48
N ASN A 289 -13.06 14.00 22.67
CA ASN A 289 -11.87 14.55 23.30
C ASN A 289 -10.73 14.84 22.34
N ARG A 290 -9.89 15.79 22.74
CA ARG A 290 -8.73 16.17 21.95
C ARG A 290 -7.68 15.08 22.17
N PRO A 291 -6.90 14.77 21.13
CA PRO A 291 -5.86 13.74 21.23
C PRO A 291 -4.67 14.14 22.10
N LYS A 292 -4.00 13.15 22.67
CA LYS A 292 -2.81 13.39 23.47
C LYS A 292 -1.66 13.01 22.53
N ALA A 293 -0.68 13.89 22.40
CA ALA A 293 0.46 13.65 21.51
C ALA A 293 1.15 12.31 21.80
N VAL A 294 1.65 11.68 20.74
CA VAL A 294 2.35 10.40 20.89
C VAL A 294 3.53 10.37 19.92
N ASN A 295 4.62 9.76 20.36
CA ASN A 295 5.81 9.64 19.51
C ASN A 295 5.53 8.57 18.46
N ILE A 296 6.22 8.67 17.33
CA ILE A 296 6.03 7.71 16.26
C ILE A 296 7.37 7.34 15.63
N ARG A 297 7.55 6.05 15.37
CA ARG A 297 8.75 5.56 14.72
C ARG A 297 8.27 4.52 13.73
N THR A 298 8.48 4.79 12.45
CA THR A 298 8.05 3.85 11.42
C THR A 298 9.04 2.70 11.32
N ALA A 299 8.54 1.54 10.93
CA ALA A 299 9.37 0.35 10.80
C ALA A 299 8.58 -0.76 10.10
N PRO A 300 9.27 -1.81 9.64
CA PRO A 300 8.62 -2.93 8.96
C PRO A 300 7.60 -3.59 9.89
N HIS A 301 6.59 -4.22 9.29
CA HIS A 301 5.54 -4.90 10.05
C HIS A 301 6.22 -5.93 10.95
N PRO A 302 5.68 -6.16 12.17
CA PRO A 302 4.47 -5.55 12.75
C PRO A 302 4.63 -4.18 13.43
N GLY A 303 5.74 -3.50 13.18
CA GLY A 303 5.92 -2.18 13.78
C GLY A 303 4.98 -1.16 13.15
N PHE A 304 5.14 0.11 13.51
CA PHE A 304 4.28 1.15 12.96
C PHE A 304 4.59 1.33 11.47
N PRO A 305 3.55 1.22 10.62
CA PRO A 305 3.64 1.35 9.16
C PRO A 305 3.84 2.79 8.65
N THR A 306 4.79 2.96 7.73
CA THR A 306 5.06 4.27 7.17
C THR A 306 3.84 4.86 6.47
N ASP A 307 2.98 3.99 5.93
CA ASP A 307 1.77 4.43 5.23
C ASP A 307 0.73 5.06 6.17
N MET A 308 1.02 5.06 7.48
CA MET A 308 0.13 5.67 8.46
C MET A 308 0.82 6.86 9.14
N GLN A 309 2.06 7.14 8.72
CA GLN A 309 2.86 8.20 9.32
C GLN A 309 2.28 9.62 9.20
N ALA A 310 1.87 10.02 8.01
CA ALA A 310 1.29 11.35 7.81
C ALA A 310 0.00 11.48 8.59
N GLN A 311 -0.83 10.45 8.52
CA GLN A 311 -2.11 10.42 9.20
C GLN A 311 -1.91 10.72 10.70
N PHE A 312 -0.89 10.11 11.30
CA PHE A 312 -0.60 10.34 12.70
C PHE A 312 0.11 11.66 12.95
N THR A 313 0.77 12.19 11.92
CA THR A 313 1.43 13.49 12.05
C THR A 313 0.31 14.51 12.27
N LEU A 314 -0.76 14.37 11.49
CA LEU A 314 -1.91 15.27 11.61
C LEU A 314 -2.53 15.14 13.00
N LEU A 315 -2.64 13.90 13.48
CA LEU A 315 -3.22 13.68 14.80
C LEU A 315 -2.37 14.41 15.84
N ASN A 316 -1.05 14.35 15.69
CA ASN A 316 -0.16 15.03 16.63
C ASN A 316 -0.21 16.54 16.52
N MET A 317 -0.40 17.05 15.31
CA MET A 317 -0.43 18.49 15.10
C MET A 317 -1.65 19.16 15.73
N VAL A 318 -2.66 18.38 16.08
CA VAL A 318 -3.86 18.93 16.72
C VAL A 318 -4.03 18.33 18.10
N ALA A 319 -3.09 17.51 18.52
CA ALA A 319 -3.14 16.90 19.84
C ALA A 319 -2.68 17.88 20.92
N GLU A 320 -2.56 17.40 22.14
CA GLU A 320 -2.11 18.24 23.24
C GLU A 320 -0.72 17.74 23.60
N GLY A 321 0.28 18.63 23.50
CA GLY A 321 1.63 18.26 23.83
C GLY A 321 2.57 18.18 22.64
N THR A 322 3.81 17.79 22.90
CA THR A 322 4.84 17.68 21.87
C THR A 322 5.08 16.21 21.51
N SER A 323 5.49 15.96 20.28
CA SER A 323 5.77 14.59 19.87
C SER A 323 6.93 14.53 18.89
N ILE A 324 7.53 13.35 18.79
CA ILE A 324 8.66 13.11 17.91
C ILE A 324 8.28 12.04 16.89
N ILE A 325 8.37 12.39 15.61
CA ILE A 325 8.02 11.46 14.55
C ILE A 325 9.28 11.08 13.79
N THR A 326 9.62 9.79 13.80
CA THR A 326 10.81 9.32 13.11
C THR A 326 10.43 8.35 12.01
N GLU A 327 10.92 8.63 10.81
CA GLU A 327 10.63 7.80 9.66
C GLU A 327 11.89 7.04 9.27
N THR A 328 11.87 5.72 9.40
CA THR A 328 13.03 4.89 9.08
C THR A 328 12.89 4.13 7.78
N ILE A 329 11.72 4.18 7.16
CA ILE A 329 11.49 3.47 5.90
C ILE A 329 11.85 4.32 4.68
N PHE A 330 11.25 5.50 4.60
CA PHE A 330 11.50 6.42 3.50
C PHE A 330 11.94 7.74 4.15
N GLU A 331 13.21 8.07 4.01
CA GLU A 331 13.75 9.26 4.64
C GLU A 331 13.24 10.62 4.19
N ASN A 332 12.50 10.67 3.09
CA ASN A 332 11.96 11.95 2.62
C ASN A 332 10.45 11.92 2.49
N ARG A 333 9.76 11.35 3.47
CA ARG A 333 8.31 11.31 3.40
C ARG A 333 7.66 12.28 4.39
N PHE A 334 8.06 13.53 4.34
CA PHE A 334 7.52 14.56 5.21
C PHE A 334 6.93 15.72 4.41
N MET A 335 6.74 15.52 3.11
CA MET A 335 6.19 16.57 2.25
C MET A 335 4.90 17.20 2.79
N HIS A 336 4.12 16.40 3.52
CA HIS A 336 2.85 16.87 4.08
C HIS A 336 2.99 17.86 5.23
N ILE A 337 4.14 17.86 5.89
CA ILE A 337 4.35 18.74 7.02
C ILE A 337 4.26 20.22 6.63
N PRO A 338 5.04 20.67 5.65
CA PRO A 338 4.94 22.09 5.26
C PRO A 338 3.56 22.47 4.72
N GLU A 339 2.84 21.51 4.14
CA GLU A 339 1.50 21.79 3.63
C GLU A 339 0.57 21.97 4.82
N LEU A 340 0.82 21.19 5.88
CA LEU A 340 0.02 21.27 7.09
C LEU A 340 0.38 22.51 7.89
N ILE A 341 1.64 22.94 7.78
CA ILE A 341 2.09 24.14 8.50
C ILE A 341 1.32 25.34 7.93
N ARG A 342 1.05 25.31 6.62
CA ARG A 342 0.31 26.37 5.96
C ARG A 342 -1.08 26.51 6.58
N MET A 343 -1.58 25.42 7.13
CA MET A 343 -2.89 25.39 7.75
C MET A 343 -2.86 25.72 9.23
N GLY A 344 -1.69 26.10 9.74
CA GLY A 344 -1.58 26.45 11.14
C GLY A 344 -0.88 25.41 11.99
N GLY A 345 -0.36 24.37 11.36
CA GLY A 345 0.33 23.33 12.11
C GLY A 345 1.71 23.79 12.53
N LYS A 346 2.25 23.18 13.57
CA LYS A 346 3.56 23.53 14.10
C LYS A 346 4.47 22.32 14.17
N ALA A 347 5.57 22.36 13.43
CA ALA A 347 6.53 21.26 13.43
C ALA A 347 7.86 21.71 12.86
N GLU A 348 8.91 20.98 13.22
CA GLU A 348 10.26 21.27 12.76
C GLU A 348 10.89 19.94 12.36
N ILE A 349 11.50 19.90 11.18
CA ILE A 349 12.15 18.69 10.70
C ILE A 349 13.65 18.75 10.85
N GLU A 350 14.24 17.58 11.11
CA GLU A 350 15.69 17.44 11.25
C GLU A 350 16.03 16.01 10.83
N GLY A 351 16.47 15.86 9.59
CA GLY A 351 16.81 14.54 9.10
C GLY A 351 15.58 13.70 8.84
N ASN A 352 15.47 12.58 9.53
CA ASN A 352 14.33 11.69 9.37
C ASN A 352 13.40 11.83 10.57
N THR A 353 13.52 12.95 11.28
CA THR A 353 12.71 13.20 12.46
C THR A 353 11.99 14.53 12.38
N ALA A 354 10.78 14.58 12.92
CA ALA A 354 9.98 15.79 12.94
C ALA A 354 9.45 15.95 14.35
N VAL A 355 9.62 17.14 14.91
CA VAL A 355 9.15 17.42 16.26
C VAL A 355 7.94 18.32 16.10
N CYS A 356 6.78 17.83 16.53
CA CYS A 356 5.54 18.58 16.42
C CYS A 356 5.04 19.15 17.73
N HIS A 357 4.35 20.27 17.63
CA HIS A 357 3.77 20.93 18.77
C HIS A 357 2.29 21.06 18.44
N GLY A 358 1.46 20.32 19.16
CA GLY A 358 0.02 20.34 18.91
C GLY A 358 -0.68 21.67 19.11
N VAL A 359 -1.58 21.99 18.20
CA VAL A 359 -2.37 23.22 18.28
C VAL A 359 -3.85 22.88 18.39
N GLU A 360 -4.61 23.78 18.97
CA GLU A 360 -6.05 23.60 19.17
C GLU A 360 -6.84 23.52 17.85
N GLN A 361 -6.55 24.42 16.92
CA GLN A 361 -7.27 24.44 15.65
C GLN A 361 -6.43 24.75 14.42
N LEU A 362 -6.77 24.13 13.30
CA LEU A 362 -6.10 24.37 12.03
C LEU A 362 -7.02 25.33 11.27
N SER A 363 -6.49 26.00 10.26
CA SER A 363 -7.30 26.92 9.47
C SER A 363 -7.18 26.57 7.99
N GLY A 364 -8.32 26.58 7.31
CA GLY A 364 -8.33 26.24 5.91
C GLY A 364 -7.60 27.17 4.97
N THR A 365 -7.06 26.57 3.90
CA THR A 365 -6.34 27.28 2.85
C THR A 365 -6.02 26.25 1.78
N GLU A 366 -5.31 26.66 0.74
CA GLU A 366 -4.98 25.74 -0.34
C GLU A 366 -3.68 25.00 -0.07
N VAL A 367 -3.69 23.69 -0.35
CA VAL A 367 -2.53 22.83 -0.14
C VAL A 367 -2.40 21.84 -1.30
N ILE A 368 -1.20 21.30 -1.51
CA ILE A 368 -0.97 20.37 -2.63
C ILE A 368 -0.64 18.93 -2.23
N ALA A 369 -1.32 17.98 -2.86
CA ALA A 369 -1.09 16.57 -2.59
C ALA A 369 0.04 16.07 -3.49
N THR A 370 0.82 15.11 -3.01
CA THR A 370 1.94 14.58 -3.80
C THR A 370 2.25 13.11 -3.55
N ASP A 371 1.65 12.56 -2.49
CA ASP A 371 1.88 11.16 -2.07
C ASP A 371 0.53 10.42 -2.07
N LEU A 372 0.45 9.33 -2.85
CA LEU A 372 -0.80 8.58 -2.96
C LEU A 372 -1.38 8.07 -1.65
N ARG A 373 -0.54 7.82 -0.65
CA ARG A 373 -1.05 7.38 0.63
C ARG A 373 -0.97 8.46 1.69
N ALA A 374 0.19 9.10 1.81
CA ALA A 374 0.39 10.14 2.81
C ALA A 374 -0.46 11.41 2.66
N SER A 375 -0.63 11.89 1.44
CA SER A 375 -1.39 13.11 1.21
C SER A 375 -2.84 13.11 1.72
N ILE A 376 -3.35 11.94 2.04
CA ILE A 376 -4.73 11.85 2.54
C ILE A 376 -4.83 12.70 3.81
N SER A 377 -3.70 12.90 4.47
CA SER A 377 -3.64 13.69 5.69
C SER A 377 -4.14 15.12 5.45
N LEU A 378 -3.88 15.64 4.25
CA LEU A 378 -4.29 16.99 3.87
C LEU A 378 -5.81 17.08 3.73
N VAL A 379 -6.44 16.06 3.16
CA VAL A 379 -7.89 16.05 3.01
C VAL A 379 -8.55 15.98 4.39
N LEU A 380 -7.99 15.14 5.26
CA LEU A 380 -8.50 14.99 6.61
C LEU A 380 -8.37 16.31 7.37
N ALA A 381 -7.25 17.01 7.15
CA ALA A 381 -7.03 18.29 7.81
C ALA A 381 -8.11 19.26 7.36
N GLY A 382 -8.47 19.20 6.09
CA GLY A 382 -9.51 20.08 5.59
C GLY A 382 -10.82 19.86 6.32
N CYS A 383 -11.10 18.61 6.65
CA CYS A 383 -12.34 18.25 7.35
C CYS A 383 -12.44 18.86 8.75
N ILE A 384 -11.32 19.05 9.43
CA ILE A 384 -11.35 19.60 10.78
C ILE A 384 -10.85 21.05 10.91
N ALA A 385 -10.35 21.61 9.82
CA ALA A 385 -9.88 22.99 9.85
C ALA A 385 -11.03 23.98 9.69
N THR A 386 -10.85 25.20 10.16
CA THR A 386 -11.90 26.22 10.06
C THR A 386 -11.98 26.71 8.61
N GLY A 387 -13.15 27.20 8.22
CA GLY A 387 -13.32 27.71 6.87
C GLY A 387 -13.18 26.66 5.77
N GLU A 388 -12.68 27.11 4.62
CA GLU A 388 -12.53 26.25 3.46
C GLU A 388 -11.09 25.85 3.13
N THR A 389 -10.92 24.61 2.66
CA THR A 389 -9.61 24.10 2.28
C THR A 389 -9.66 23.55 0.87
N ILE A 390 -8.62 23.81 0.09
CA ILE A 390 -8.55 23.32 -1.28
C ILE A 390 -7.35 22.39 -1.42
N VAL A 391 -7.60 21.12 -1.71
CA VAL A 391 -6.51 20.18 -1.89
C VAL A 391 -6.33 19.96 -3.39
N ASP A 392 -5.21 20.42 -3.91
CA ASP A 392 -4.91 20.29 -5.33
C ASP A 392 -4.19 18.98 -5.65
N ARG A 393 -4.22 18.61 -6.92
CA ARG A 393 -3.57 17.40 -7.43
C ARG A 393 -4.03 16.13 -6.70
N ILE A 394 -5.33 16.01 -6.48
CA ILE A 394 -5.85 14.84 -5.78
C ILE A 394 -5.73 13.56 -6.59
N TYR A 395 -5.25 13.65 -7.83
CA TYR A 395 -5.10 12.46 -8.64
C TYR A 395 -4.22 11.47 -7.88
N HIS A 396 -3.32 12.00 -7.05
CA HIS A 396 -2.46 11.15 -6.23
C HIS A 396 -3.31 10.35 -5.27
N ILE A 397 -4.26 11.03 -4.62
CA ILE A 397 -5.16 10.39 -3.68
C ILE A 397 -5.93 9.25 -4.37
N ASP A 398 -6.39 9.50 -5.60
CA ASP A 398 -7.14 8.51 -6.34
C ASP A 398 -6.37 7.23 -6.63
N ARG A 399 -5.04 7.30 -6.55
CA ARG A 399 -4.19 6.14 -6.78
C ARG A 399 -4.23 5.21 -5.55
N GLY A 400 -4.35 5.79 -4.36
CA GLY A 400 -4.34 4.97 -3.16
C GLY A 400 -5.60 4.86 -2.31
N TYR A 401 -6.72 5.40 -2.80
CA TYR A 401 -7.96 5.32 -2.02
C TYR A 401 -9.15 5.27 -2.96
N GLU A 402 -10.08 4.35 -2.71
CA GLU A 402 -11.26 4.23 -3.56
C GLU A 402 -12.43 5.04 -3.00
N HIS A 403 -13.16 5.70 -3.90
CA HIS A 403 -14.33 6.49 -3.53
C HIS A 403 -14.09 7.28 -2.26
N ILE A 404 -12.93 7.92 -2.15
CA ILE A 404 -12.59 8.66 -0.94
C ILE A 404 -13.60 9.74 -0.54
N GLU A 405 -14.16 10.47 -1.52
CA GLU A 405 -15.13 11.52 -1.21
C GLU A 405 -16.43 10.95 -0.67
N ASP A 406 -16.89 9.86 -1.27
CA ASP A 406 -18.12 9.22 -0.83
C ASP A 406 -17.98 8.64 0.58
N LYS A 407 -16.85 7.99 0.85
CA LYS A 407 -16.64 7.41 2.17
C LYS A 407 -16.50 8.49 3.24
N LEU A 408 -15.87 9.61 2.88
CA LEU A 408 -15.70 10.69 3.83
C LEU A 408 -17.01 11.44 4.05
N ARG A 409 -17.75 11.70 2.97
CA ARG A 409 -19.04 12.36 3.08
C ARG A 409 -19.93 11.50 3.97
N GLY A 410 -19.82 10.18 3.81
CA GLY A 410 -20.60 9.27 4.62
C GLY A 410 -20.30 9.38 6.10
N LEU A 411 -19.23 10.10 6.45
CA LEU A 411 -18.87 10.30 7.85
C LEU A 411 -19.17 11.73 8.31
N GLY A 412 -19.87 12.48 7.46
CA GLY A 412 -20.23 13.84 7.79
C GLY A 412 -19.38 14.94 7.18
N ALA A 413 -18.32 14.57 6.47
CA ALA A 413 -17.46 15.58 5.85
C ALA A 413 -18.12 16.27 4.67
N LYS A 414 -17.83 17.56 4.50
CA LYS A 414 -18.36 18.33 3.39
C LYS A 414 -17.22 18.48 2.38
N ILE A 415 -17.21 17.59 1.39
CA ILE A 415 -16.17 17.59 0.38
C ILE A 415 -16.75 17.43 -1.02
N GLU A 416 -16.24 18.23 -1.96
CA GLU A 416 -16.71 18.13 -3.33
C GLU A 416 -15.54 18.21 -4.31
N ARG A 417 -15.59 17.36 -5.33
CA ARG A 417 -14.56 17.30 -6.36
C ARG A 417 -14.88 18.29 -7.48
N PHE A 418 -13.91 19.11 -7.85
CA PHE A 418 -14.10 20.08 -8.92
C PHE A 418 -12.79 20.27 -9.69
N SER A 419 -12.83 21.16 -10.67
CA SER A 419 -11.65 21.46 -11.48
C SER A 419 -11.69 22.94 -11.85
N GLY A 420 -10.52 23.54 -12.07
CA GLY A 420 -10.46 24.95 -12.41
C GLY A 420 -10.37 25.84 -11.19
S SO4 B . 5.74 5.70 -7.96
O1 SO4 B . 4.78 4.85 -7.20
O2 SO4 B . 4.99 6.84 -8.53
O3 SO4 B . 6.35 4.91 -9.04
O4 SO4 B . 6.79 6.21 -7.06
C1' UD1 C . 5.77 -1.10 -0.36
C2' UD1 C . 4.40 -0.41 -0.60
C3' UD1 C . 4.51 1.06 -0.11
C4' UD1 C . 4.86 1.08 1.40
C5' UD1 C . 6.20 0.35 1.60
C6' UD1 C . 6.59 0.17 3.06
C7' UD1 C . 3.40 -1.49 -2.59
C8' UD1 C . 3.04 -1.47 -4.05
N2' UD1 C . 4.04 -0.41 -2.05
O1' UD1 C . 6.75 -0.38 -1.12
O3' UD1 C . 3.26 1.74 -0.30
O4' UD1 C . 4.97 2.42 1.91
O5' UD1 C . 6.12 -1.01 1.05
O6' UD1 C . 5.61 -0.67 3.69
O7' UD1 C . 3.13 -2.49 -1.93
N1 UD1 C . 14.81 -1.01 -0.81
C2 UD1 C . 16.15 -1.10 -1.29
N3 UD1 C . 16.33 -2.06 -2.27
C4 UD1 C . 15.32 -2.92 -2.80
C5 UD1 C . 13.99 -2.75 -2.24
C6 UD1 C . 13.78 -1.83 -1.32
O2 UD1 C . 17.07 -0.39 -0.88
O4 UD1 C . 15.64 -3.73 -3.67
C1B UD1 C . 14.49 0.02 0.24
C2B UD1 C . 13.71 1.21 -0.27
O2' UD1 C . 14.57 2.17 -0.87
C3B UD1 C . 13.04 1.76 1.00
C4B UD1 C . 12.75 0.51 1.80
O4B UD1 C . 13.68 -0.52 1.28
O3B UD1 C . 13.91 2.61 1.76
C5B UD1 C . 11.30 -0.06 1.74
O5B UD1 C . 11.34 -1.14 0.84
PA UD1 C . 10.20 -2.16 0.50
O1A UD1 C . 10.71 -3.17 -0.47
O2A UD1 C . 9.81 -2.69 1.83
O3A UD1 C . 8.77 -1.62 -0.04
PB UD1 C . 8.16 -1.06 -1.39
O1B UD1 C . 9.12 -0.12 -1.99
O2B UD1 C . 8.00 -2.23 -2.30
#